data_8BHU
#
_entry.id   8BHU
#
_cell.length_a   60.937
_cell.length_b   81.594
_cell.length_c   95.785
_cell.angle_alpha   90.000
_cell.angle_beta   90.000
_cell.angle_gamma   90.000
#
_symmetry.space_group_name_H-M   'P 21 21 21'
#
loop_
_entity.id
_entity.type
_entity.pdbx_description
1 polymer SilF
2 non-polymer 'SILVER ION'
3 non-polymer 'SULFATE ION'
4 non-polymer 2-[BIS-(2-HYDROXY-ETHYL)-AMINO]-2-HYDROXYMETHYL-PROPANE-1,3-DIOL
5 water water
#
_entity_poly.entity_id   1
_entity_poly.type   'polypeptide(L)'
_entity_poly.pdbx_seq_one_letter_code
;MRNSLKAVLFGAFSVMFSAGLHAETHQHGDMNAASDASVQQVIRGSGVVKAIDMNSKKITISHEAIPAVGWPAMTMRFTF
VNADDAIDAINALKTGNHVDFSFIQQGNISLLKSINVTQS
;
_entity_poly.pdbx_strand_id   AAA,BBB,CCC,DDD,EEE,FFF
#
loop_
_chem_comp.id
_chem_comp.type
_chem_comp.name
_chem_comp.formula
AG non-polymer 'SILVER ION' 'Ag 1'
BTB non-polymer 2-[BIS-(2-HYDROXY-ETHYL)-AMINO]-2-HYDROXYMETHYL-PROPANE-1,3-DIOL 'C8 H19 N O5'
SO4 non-polymer 'SULFATE ION' 'O4 S -2'
#
# COMPACT_ATOMS: atom_id res chain seq x y z
N GLN A 41 -23.19 -17.79 -0.27
CA GLN A 41 -22.88 -18.47 -1.61
C GLN A 41 -21.36 -18.66 -1.78
N VAL A 42 -20.89 -19.91 -1.80
CA VAL A 42 -19.44 -20.22 -1.97
C VAL A 42 -19.11 -20.12 -3.47
N ILE A 43 -18.08 -19.32 -3.80
CA ILE A 43 -17.59 -19.12 -5.19
C ILE A 43 -16.29 -19.90 -5.33
N ARG A 44 -16.17 -20.67 -6.41
CA ARG A 44 -14.98 -21.49 -6.68
C ARG A 44 -14.22 -20.84 -7.84
N GLY A 45 -12.93 -20.68 -7.65
CA GLY A 45 -12.01 -20.07 -8.62
C GLY A 45 -10.74 -20.88 -8.70
N SER A 46 -9.82 -20.44 -9.55
CA SER A 46 -8.49 -21.06 -9.65
C SER A 46 -7.47 -19.96 -9.87
N GLY A 47 -6.25 -20.22 -9.47
CA GLY A 47 -5.16 -19.29 -9.73
C GLY A 47 -3.88 -19.68 -9.06
N VAL A 48 -3.00 -18.71 -8.97
CA VAL A 48 -1.64 -18.87 -8.43
C VAL A 48 -1.55 -17.96 -7.21
N VAL A 49 -1.13 -18.52 -6.07
CA VAL A 49 -0.89 -17.72 -4.85
C VAL A 49 0.44 -16.96 -5.06
N LYS A 50 0.39 -15.63 -4.92
CA LYS A 50 1.54 -14.73 -5.16
C LYS A 50 2.09 -14.14 -3.87
N ALA A 51 1.28 -14.06 -2.82
CA ALA A 51 1.73 -13.43 -1.58
C ALA A 51 0.87 -13.93 -0.43
N ILE A 52 1.44 -13.88 0.75
CA ILE A 52 0.76 -14.14 2.02
C ILE A 52 1.31 -13.15 3.04
N ASP A 53 0.40 -12.55 3.81
CA ASP A 53 0.74 -11.64 4.92
C ASP A 53 0.00 -12.14 6.17
N MET A 54 0.78 -12.65 7.14
CA MET A 54 0.21 -13.27 8.35
C MET A 54 -0.24 -12.17 9.32
N ASN A 55 0.23 -10.93 9.19
CA ASN A 55 -0.20 -9.81 10.04
C ASN A 55 -1.59 -9.33 9.58
N SER A 56 -1.76 -9.04 8.29
CA SER A 56 -3.03 -8.50 7.71
C SER A 56 -4.03 -9.65 7.47
N LYS A 57 -3.56 -10.91 7.50
CA LYS A 57 -4.34 -12.13 7.21
C LYS A 57 -4.90 -12.04 5.78
N LYS A 58 -4.05 -11.72 4.83
CA LYS A 58 -4.41 -11.62 3.41
C LYS A 58 -3.55 -12.56 2.56
N ILE A 59 -4.19 -13.28 1.67
CA ILE A 59 -3.54 -14.12 0.63
C ILE A 59 -3.83 -13.47 -0.72
N THR A 60 -2.81 -13.17 -1.49
CA THR A 60 -2.91 -12.56 -2.82
C THR A 60 -2.94 -13.69 -3.84
N ILE A 61 -4.00 -13.74 -4.63
CA ILE A 61 -4.15 -14.78 -5.68
C ILE A 61 -4.30 -14.08 -7.01
N SER A 62 -3.50 -14.50 -7.98
CA SER A 62 -3.72 -14.18 -9.41
C SER A 62 -4.76 -15.19 -9.92
N HIS A 63 -6.04 -14.79 -9.95
CA HIS A 63 -7.15 -15.72 -10.23
C HIS A 63 -7.63 -15.58 -11.66
N GLU A 64 -8.17 -16.66 -12.18
CA GLU A 64 -8.80 -16.66 -13.52
C GLU A 64 -10.13 -15.91 -13.43
N ALA A 65 -10.67 -15.55 -14.59
CA ALA A 65 -12.01 -14.97 -14.70
C ALA A 65 -12.99 -15.90 -14.00
N ILE A 66 -14.00 -15.34 -13.36
CA ILE A 66 -15.14 -16.07 -12.72
C ILE A 66 -16.42 -15.56 -13.36
N PRO A 67 -16.80 -16.10 -14.54
CA PRO A 67 -17.96 -15.57 -15.28
C PRO A 67 -19.26 -15.61 -14.47
N ALA A 68 -19.41 -16.64 -13.62
CA ALA A 68 -20.50 -16.84 -12.63
C ALA A 68 -20.83 -15.54 -11.89
N VAL A 69 -19.84 -14.74 -11.52
CA VAL A 69 -20.02 -13.55 -10.64
C VAL A 69 -19.58 -12.29 -11.38
N GLY A 70 -19.32 -12.40 -12.68
CA GLY A 70 -18.91 -11.31 -13.59
C GLY A 70 -17.56 -10.73 -13.25
N TRP A 71 -16.63 -11.53 -12.70
CA TRP A 71 -15.25 -11.01 -12.43
C TRP A 71 -14.33 -11.38 -13.58
N PRO A 72 -13.46 -10.45 -13.97
CA PRO A 72 -12.40 -10.77 -14.92
C PRO A 72 -11.29 -11.50 -14.14
N ALA A 73 -10.26 -11.94 -14.85
CA ALA A 73 -9.00 -12.36 -14.19
C ALA A 73 -8.49 -11.16 -13.40
N MET A 74 -8.03 -11.39 -12.18
CA MET A 74 -7.50 -10.30 -11.33
C MET A 74 -6.40 -10.88 -10.46
N THR A 75 -5.48 -10.03 -10.02
CA THR A 75 -4.63 -10.30 -8.85
C THR A 75 -5.30 -9.58 -7.68
N MET A 76 -5.75 -10.33 -6.68
CA MET A 76 -6.62 -9.79 -5.63
C MET A 76 -6.30 -10.40 -4.29
N ARG A 77 -6.49 -9.63 -3.21
CA ARG A 77 -6.28 -10.10 -1.82
C ARG A 77 -7.56 -10.71 -1.30
N PHE A 78 -7.43 -11.88 -0.68
CA PHE A 78 -8.52 -12.58 0.03
C PHE A 78 -8.13 -12.68 1.50
N THR A 79 -9.10 -12.44 2.36
CA THR A 79 -8.90 -12.51 3.81
C THR A 79 -9.03 -13.96 4.26
N PHE A 80 -8.13 -14.44 5.11
CA PHE A 80 -8.32 -15.77 5.75
C PHE A 80 -8.60 -15.59 7.23
N VAL A 81 -9.18 -16.59 7.87
CA VAL A 81 -9.70 -16.44 9.26
C VAL A 81 -8.74 -17.02 10.31
N ASN A 82 -8.45 -18.32 10.24
CA ASN A 82 -7.58 -19.07 11.18
C ASN A 82 -6.17 -19.07 10.63
N ALA A 83 -5.13 -18.99 11.47
CA ALA A 83 -3.70 -19.19 11.06
C ALA A 83 -3.55 -20.50 10.25
N ASP A 84 -4.27 -21.54 10.66
CA ASP A 84 -4.16 -22.89 10.03
C ASP A 84 -4.77 -22.85 8.63
N ASP A 85 -5.64 -21.90 8.30
CA ASP A 85 -6.15 -21.73 6.91
C ASP A 85 -4.99 -21.34 5.98
N ALA A 86 -3.91 -20.76 6.48
CA ALA A 86 -2.81 -20.30 5.61
C ALA A 86 -1.98 -21.49 5.10
N ILE A 87 -2.01 -22.65 5.78
CA ILE A 87 -1.00 -23.71 5.50
C ILE A 87 -1.03 -24.12 4.01
N ASP A 88 -2.23 -24.38 3.48
CA ASP A 88 -2.43 -24.79 2.06
C ASP A 88 -1.95 -23.64 1.15
N ALA A 89 -2.20 -22.40 1.52
CA ALA A 89 -1.79 -21.23 0.71
C ALA A 89 -0.27 -21.15 0.68
N ILE A 90 0.39 -21.43 1.79
CA ILE A 90 1.87 -21.36 1.89
C ILE A 90 2.47 -22.43 0.95
N ASN A 91 1.90 -23.63 0.93
CA ASN A 91 2.35 -24.70 0.01
C ASN A 91 2.17 -24.25 -1.45
N ALA A 92 1.03 -23.63 -1.78
CA ALA A 92 0.76 -23.13 -3.14
C ALA A 92 1.75 -22.01 -3.51
N LEU A 93 2.10 -21.16 -2.56
CA LEU A 93 3.06 -20.05 -2.76
C LEU A 93 4.43 -20.64 -3.15
N LYS A 94 4.82 -21.74 -2.50
CA LYS A 94 6.13 -22.41 -2.65
C LYS A 94 6.21 -23.06 -4.04
N THR A 95 5.16 -23.76 -4.47
CA THR A 95 5.16 -24.50 -5.75
C THR A 95 4.86 -23.57 -6.94
N GLY A 96 4.04 -22.51 -6.74
CA GLY A 96 3.51 -21.68 -7.84
C GLY A 96 2.50 -22.43 -8.68
N ASN A 97 1.98 -23.56 -8.19
CA ASN A 97 1.05 -24.43 -8.93
C ASN A 97 -0.27 -23.69 -9.17
N HIS A 98 -0.92 -23.95 -10.28
CA HIS A 98 -2.30 -23.45 -10.51
C HIS A 98 -3.22 -24.24 -9.59
N VAL A 99 -3.89 -23.61 -8.63
CA VAL A 99 -4.65 -24.28 -7.54
C VAL A 99 -6.10 -23.86 -7.61
N ASP A 100 -6.96 -24.72 -7.08
CA ASP A 100 -8.38 -24.43 -6.80
C ASP A 100 -8.47 -23.64 -5.48
N PHE A 101 -9.42 -22.73 -5.39
CA PHE A 101 -9.74 -22.07 -4.11
C PHE A 101 -11.22 -21.77 -4.10
N SER A 102 -11.75 -21.50 -2.92
CA SER A 102 -13.15 -21.06 -2.77
C SER A 102 -13.19 -19.91 -1.79
N PHE A 103 -14.15 -19.05 -1.94
CA PHE A 103 -14.33 -17.90 -1.02
C PHE A 103 -15.81 -17.59 -0.97
N ILE A 104 -16.16 -16.78 0.01
CA ILE A 104 -17.53 -16.20 0.11
C ILE A 104 -17.35 -14.69 0.15
N GLN A 105 -18.27 -13.98 -0.48
CA GLN A 105 -18.38 -12.52 -0.31
C GLN A 105 -19.23 -12.32 0.94
N GLN A 106 -18.57 -12.03 2.06
CA GLN A 106 -19.20 -11.93 3.40
C GLN A 106 -19.11 -10.44 3.79
N GLY A 107 -20.24 -9.73 3.74
CA GLY A 107 -20.27 -8.28 3.53
C GLY A 107 -19.39 -7.91 2.34
N ASN A 108 -18.53 -6.91 2.51
CA ASN A 108 -17.67 -6.37 1.41
C ASN A 108 -16.22 -6.84 1.60
N ILE A 109 -16.04 -8.00 2.24
CA ILE A 109 -14.73 -8.71 2.30
C ILE A 109 -14.84 -9.99 1.45
N SER A 110 -13.76 -10.36 0.72
CA SER A 110 -13.67 -11.71 0.09
C SER A 110 -12.96 -12.67 1.05
N LEU A 111 -13.74 -13.51 1.72
CA LEU A 111 -13.28 -14.39 2.82
C LEU A 111 -12.98 -15.79 2.24
N LEU A 112 -11.72 -16.18 2.33
CA LEU A 112 -11.28 -17.51 1.81
C LEU A 112 -11.95 -18.62 2.61
N LYS A 113 -12.41 -19.65 1.90
CA LYS A 113 -12.99 -20.87 2.56
C LYS A 113 -12.04 -22.05 2.39
N SER A 114 -11.31 -22.16 1.28
CA SER A 114 -10.39 -23.28 1.03
C SER A 114 -9.41 -22.94 -0.10
N ILE A 115 -8.24 -23.57 -0.07
CA ILE A 115 -7.22 -23.61 -1.17
C ILE A 115 -6.69 -25.04 -1.13
N ASN A 116 -6.75 -25.80 -2.23
CA ASN A 116 -6.51 -27.26 -2.18
C ASN A 116 -5.01 -27.61 -2.27
N VAL A 117 -4.27 -26.97 -3.18
CA VAL A 117 -2.85 -27.27 -3.55
C VAL A 117 -2.60 -28.78 -3.62
N GLN B 40 23.40 14.26 -6.24
CA GLN B 40 24.40 14.90 -7.15
C GLN B 40 24.73 13.94 -8.31
N GLN B 41 25.21 12.73 -8.01
CA GLN B 41 25.54 11.72 -9.04
C GLN B 41 24.26 11.25 -9.78
N VAL B 42 24.22 11.46 -11.11
CA VAL B 42 23.03 11.06 -11.91
C VAL B 42 23.17 9.56 -12.21
N ILE B 43 22.11 8.81 -11.96
CA ILE B 43 22.03 7.34 -12.21
C ILE B 43 21.13 7.13 -13.42
N ARG B 44 21.52 6.29 -14.36
CA ARG B 44 20.80 6.13 -15.62
C ARG B 44 20.31 4.69 -15.67
N GLY B 45 19.11 4.49 -16.16
CA GLY B 45 18.50 3.14 -16.28
C GLY B 45 17.57 3.08 -17.45
N SER B 46 16.94 1.94 -17.64
CA SER B 46 15.91 1.78 -18.69
C SER B 46 14.83 0.86 -18.17
N GLY B 47 13.63 1.01 -18.69
CA GLY B 47 12.53 0.15 -18.27
C GLY B 47 11.21 0.54 -18.88
N VAL B 48 10.17 0.05 -18.26
CA VAL B 48 8.76 0.26 -18.72
C VAL B 48 8.04 0.97 -17.60
N VAL B 49 7.36 2.08 -17.93
CA VAL B 49 6.52 2.81 -16.95
C VAL B 49 5.24 1.97 -16.74
N LYS B 50 4.95 1.64 -15.50
CA LYS B 50 3.79 0.78 -15.11
C LYS B 50 2.72 1.57 -14.37
N ALA B 51 3.05 2.68 -13.72
CA ALA B 51 2.04 3.43 -12.95
C ALA B 51 2.47 4.88 -12.80
N ILE B 52 1.48 5.75 -12.68
CA ILE B 52 1.69 7.17 -12.33
C ILE B 52 0.61 7.58 -11.33
N ASP B 53 1.02 8.26 -10.27
CA ASP B 53 0.09 8.82 -9.26
C ASP B 53 0.38 10.33 -9.12
N MET B 54 -0.55 11.16 -9.57
CA MET B 54 -0.39 12.63 -9.55
C MET B 54 -0.58 13.17 -8.12
N ASN B 55 -1.22 12.44 -7.22
CA ASN B 55 -1.40 12.86 -5.80
C ASN B 55 -0.09 12.62 -5.02
N SER B 56 0.51 11.44 -5.12
CA SER B 56 1.75 11.08 -4.38
C SER B 56 2.99 11.58 -5.13
N LYS B 57 2.83 11.97 -6.40
CA LYS B 57 3.92 12.39 -7.33
C LYS B 57 4.93 11.23 -7.46
N LYS B 58 4.41 10.05 -7.76
CA LYS B 58 5.26 8.84 -7.92
C LYS B 58 5.04 8.20 -9.28
N ILE B 59 6.14 7.86 -9.95
CA ILE B 59 6.14 7.08 -11.22
C ILE B 59 6.75 5.71 -10.92
N THR B 60 6.06 4.66 -11.26
CA THR B 60 6.48 3.28 -11.05
C THR B 60 7.14 2.79 -12.33
N ILE B 61 8.39 2.36 -12.23
CA ILE B 61 9.13 1.81 -13.40
C ILE B 61 9.59 0.39 -13.12
N SER B 62 9.29 -0.51 -14.07
CA SER B 62 9.89 -1.85 -14.13
C SER B 62 11.25 -1.71 -14.81
N HIS B 63 12.31 -1.60 -14.04
CA HIS B 63 13.63 -1.21 -14.59
C HIS B 63 14.56 -2.43 -14.70
N GLU B 64 15.49 -2.33 -15.62
CA GLU B 64 16.59 -3.33 -15.77
C GLU B 64 17.53 -3.16 -14.58
N ALA B 65 18.39 -4.16 -14.35
CA ALA B 65 19.41 -4.09 -13.28
C ALA B 65 20.22 -2.81 -13.46
N ILE B 66 20.60 -2.17 -12.34
CA ILE B 66 21.48 -0.98 -12.31
C ILE B 66 22.65 -1.31 -11.41
N PRO B 67 23.70 -1.99 -11.93
CA PRO B 67 24.86 -2.32 -11.12
C PRO B 67 25.56 -1.12 -10.46
N ALA B 68 25.51 0.06 -11.09
CA ALA B 68 26.03 1.33 -10.53
C ALA B 68 25.49 1.61 -9.11
N VAL B 69 24.29 1.17 -8.74
CA VAL B 69 23.76 1.38 -7.36
C VAL B 69 23.52 0.02 -6.67
N GLY B 70 23.95 -1.08 -7.29
CA GLY B 70 23.82 -2.47 -6.83
C GLY B 70 22.39 -2.95 -6.78
N TRP B 71 21.54 -2.48 -7.69
CA TRP B 71 20.13 -2.94 -7.76
C TRP B 71 19.99 -4.01 -8.82
N PRO B 72 19.18 -5.05 -8.53
CA PRO B 72 18.72 -5.98 -9.55
C PRO B 72 17.63 -5.30 -10.41
N ALA B 73 17.16 -5.98 -11.44
CA ALA B 73 15.89 -5.59 -12.12
C ALA B 73 14.81 -5.59 -11.04
N MET B 74 13.96 -4.56 -11.04
CA MET B 74 12.86 -4.47 -10.06
C MET B 74 11.82 -3.50 -10.60
N THR B 75 10.64 -3.58 -10.00
CA THR B 75 9.57 -2.59 -10.18
C THR B 75 9.64 -1.67 -8.97
N MET B 76 9.85 -0.38 -9.18
CA MET B 76 10.11 0.55 -8.06
C MET B 76 9.47 1.91 -8.33
N ARG B 77 9.06 2.59 -7.26
CA ARG B 77 8.50 3.94 -7.33
C ARG B 77 9.62 4.99 -7.27
N PHE B 78 9.52 5.99 -8.13
CA PHE B 78 10.41 7.17 -8.18
C PHE B 78 9.56 8.40 -7.92
N THR B 79 10.05 9.34 -7.13
CA THR B 79 9.37 10.64 -6.94
C THR B 79 9.69 11.55 -8.13
N PHE B 80 8.70 12.23 -8.68
CA PHE B 80 8.96 13.28 -9.69
C PHE B 80 8.71 14.67 -9.10
N VAL B 81 9.44 15.62 -9.65
CA VAL B 81 9.43 17.06 -9.27
C VAL B 81 8.98 17.85 -10.50
N ASN B 82 9.55 17.60 -11.67
CA ASN B 82 9.31 18.33 -12.94
C ASN B 82 8.02 17.84 -13.63
N ALA B 83 7.06 18.73 -13.91
CA ALA B 83 5.81 18.43 -14.63
C ALA B 83 6.12 17.76 -15.97
N ASP B 84 7.19 18.18 -16.63
CA ASP B 84 7.57 17.64 -17.96
C ASP B 84 7.94 16.16 -17.83
N ASP B 85 8.46 15.75 -16.67
CA ASP B 85 8.85 14.33 -16.45
C ASP B 85 7.57 13.50 -16.36
N ALA B 86 6.53 14.02 -15.71
CA ALA B 86 5.23 13.33 -15.64
C ALA B 86 4.64 13.21 -17.04
N ILE B 87 4.80 14.25 -17.87
CA ILE B 87 4.24 14.20 -19.25
C ILE B 87 4.94 13.07 -20.02
N ASP B 88 6.27 12.97 -19.95
CA ASP B 88 7.03 11.91 -20.68
C ASP B 88 6.61 10.56 -20.10
N ALA B 89 6.38 10.45 -18.80
CA ALA B 89 5.98 9.17 -18.16
C ALA B 89 4.60 8.77 -18.68
N ILE B 90 3.69 9.73 -18.86
CA ILE B 90 2.33 9.45 -19.37
C ILE B 90 2.42 8.87 -20.78
N ASN B 91 3.28 9.42 -21.64
CA ASN B 91 3.47 8.88 -23.00
C ASN B 91 4.01 7.45 -22.93
N ALA B 92 4.99 7.19 -22.05
CA ALA B 92 5.58 5.85 -21.87
C ALA B 92 4.53 4.88 -21.32
N LEU B 93 3.66 5.35 -20.43
CA LEU B 93 2.59 4.51 -19.83
C LEU B 93 1.64 4.06 -20.94
N LYS B 94 1.33 4.95 -21.87
CA LYS B 94 0.38 4.72 -23.00
C LYS B 94 0.95 3.68 -23.97
N THR B 95 2.23 3.77 -24.33
CA THR B 95 2.87 2.89 -25.34
C THR B 95 3.32 1.57 -24.70
N GLY B 96 3.72 1.58 -23.42
CA GLY B 96 4.41 0.43 -22.79
C GLY B 96 5.82 0.20 -23.35
N ASN B 97 6.37 1.18 -24.08
CA ASN B 97 7.69 1.06 -24.73
C ASN B 97 8.78 0.95 -23.66
N HIS B 98 9.85 0.23 -23.96
CA HIS B 98 11.11 0.30 -23.18
C HIS B 98 11.71 1.69 -23.36
N VAL B 99 11.91 2.45 -22.28
CA VAL B 99 12.37 3.87 -22.32
C VAL B 99 13.55 4.06 -21.39
N ASP B 100 14.32 5.12 -21.58
CA ASP B 100 15.49 5.47 -20.75
C ASP B 100 15.03 6.46 -19.69
N PHE B 101 15.67 6.46 -18.51
CA PHE B 101 15.36 7.44 -17.46
C PHE B 101 16.63 7.71 -16.67
N SER B 102 16.64 8.82 -15.94
CA SER B 102 17.75 9.16 -15.04
C SER B 102 17.17 9.66 -13.73
N PHE B 103 17.89 9.48 -12.64
CA PHE B 103 17.44 9.90 -11.30
C PHE B 103 18.66 10.19 -10.44
N ILE B 104 18.42 10.82 -9.30
CA ILE B 104 19.44 10.97 -8.25
C ILE B 104 18.88 10.31 -6.97
N GLN B 105 19.79 9.76 -6.18
CA GLN B 105 19.46 9.18 -4.86
C GLN B 105 19.70 10.28 -3.82
N GLN B 106 18.65 10.68 -3.11
CA GLN B 106 18.78 11.53 -1.89
C GLN B 106 18.38 10.67 -0.69
N GLY B 107 19.32 9.89 -0.20
CA GLY B 107 19.11 8.96 0.92
C GLY B 107 18.19 7.83 0.51
N ASN B 108 17.07 7.67 1.22
CA ASN B 108 16.04 6.64 0.91
C ASN B 108 15.16 7.09 -0.26
N ILE B 109 15.41 8.25 -0.90
CA ILE B 109 14.45 8.79 -1.91
C ILE B 109 15.14 8.80 -3.28
N SER B 110 14.50 8.19 -4.28
CA SER B 110 14.91 8.24 -5.71
C SER B 110 14.11 9.33 -6.40
N LEU B 111 14.78 10.40 -6.77
CA LEU B 111 14.18 11.57 -7.46
C LEU B 111 14.45 11.45 -8.95
N LEU B 112 13.39 11.29 -9.75
CA LEU B 112 13.51 11.29 -11.23
C LEU B 112 14.06 12.61 -11.74
N LYS B 113 14.97 12.56 -12.71
CA LYS B 113 15.55 13.75 -13.38
C LYS B 113 15.08 13.83 -14.84
N SER B 114 14.83 12.69 -15.49
CA SER B 114 14.44 12.67 -16.93
C SER B 114 13.87 11.32 -17.29
N ILE B 115 13.01 11.30 -18.31
CA ILE B 115 12.59 10.09 -19.07
C ILE B 115 12.70 10.42 -20.55
N ASN B 116 13.39 9.58 -21.31
CA ASN B 116 13.52 9.74 -22.78
C ASN B 116 12.73 8.63 -23.44
N VAL B 117 11.61 8.98 -24.05
CA VAL B 117 10.72 7.95 -24.67
C VAL B 117 11.23 7.62 -26.07
N THR B 118 12.18 8.39 -26.60
CA THR B 118 12.59 8.26 -28.03
C THR B 118 13.07 6.83 -28.33
N GLN B 119 12.44 6.19 -29.32
CA GLN B 119 12.80 4.81 -29.79
C GLN B 119 13.84 4.93 -30.92
N GLN C 40 -28.73 1.87 3.97
CA GLN C 40 -29.55 0.72 4.50
C GLN C 40 -28.97 0.30 5.86
N GLN C 41 -28.79 -1.00 6.13
CA GLN C 41 -28.66 -1.53 7.52
C GLN C 41 -27.42 -0.96 8.25
N VAL C 42 -27.60 -0.37 9.43
CA VAL C 42 -26.46 0.05 10.30
C VAL C 42 -25.92 -1.19 11.02
N ILE C 43 -24.61 -1.42 10.89
CA ILE C 43 -23.86 -2.56 11.49
C ILE C 43 -23.05 -2.01 12.65
N ARG C 44 -23.04 -2.72 13.77
CA ARG C 44 -22.42 -2.23 15.00
C ARG C 44 -21.20 -3.12 15.28
N GLY C 45 -20.13 -2.49 15.71
CA GLY C 45 -18.96 -3.21 16.22
C GLY C 45 -18.35 -2.50 17.38
N SER C 46 -17.26 -3.07 17.88
CA SER C 46 -16.47 -2.43 18.94
C SER C 46 -15.02 -2.77 18.69
N GLY C 47 -14.11 -1.96 19.20
CA GLY C 47 -12.69 -2.29 19.17
C GLY C 47 -11.82 -1.12 19.50
N VAL C 48 -10.61 -1.13 18.95
CA VAL C 48 -9.54 -0.16 19.28
C VAL C 48 -9.14 0.49 17.97
N VAL C 49 -9.05 1.82 17.96
CA VAL C 49 -8.54 2.58 16.77
C VAL C 49 -7.04 2.41 16.71
N LYS C 50 -6.53 1.97 15.55
CA LYS C 50 -5.08 1.71 15.33
C LYS C 50 -4.46 2.71 14.36
N ALA C 51 -5.23 3.35 13.48
CA ALA C 51 -4.67 4.28 12.49
C ALA C 51 -5.73 5.23 11.98
N ILE C 52 -5.31 6.43 11.58
CA ILE C 52 -6.17 7.38 10.85
C ILE C 52 -5.35 7.99 9.72
N ASP C 53 -5.97 8.13 8.55
CA ASP C 53 -5.34 8.79 7.39
C ASP C 53 -6.30 9.87 6.87
N MET C 54 -5.94 11.14 7.04
CA MET C 54 -6.83 12.27 6.68
C MET C 54 -6.86 12.45 5.16
N ASN C 55 -5.87 11.92 4.43
CA ASN C 55 -5.82 12.02 2.93
C ASN C 55 -6.75 10.97 2.33
N SER C 56 -6.66 9.70 2.76
CA SER C 56 -7.48 8.59 2.22
C SER C 56 -8.86 8.57 2.89
N LYS C 57 -9.02 9.29 4.00
CA LYS C 57 -10.23 9.36 4.85
C LYS C 57 -10.58 7.95 5.32
N LYS C 58 -9.58 7.25 5.87
CA LYS C 58 -9.74 5.88 6.38
C LYS C 58 -9.33 5.82 7.85
N ILE C 59 -10.14 5.15 8.66
CA ILE C 59 -9.85 4.87 10.08
C ILE C 59 -9.70 3.35 10.18
N THR C 60 -8.59 2.90 10.74
CA THR C 60 -8.29 1.47 10.93
C THR C 60 -8.73 1.09 12.34
N ILE C 61 -9.62 0.12 12.43
CA ILE C 61 -10.12 -0.37 13.74
C ILE C 61 -9.78 -1.85 13.85
N SER C 62 -9.14 -2.21 14.96
CA SER C 62 -9.03 -3.62 15.39
C SER C 62 -10.35 -3.97 16.10
N HIS C 63 -11.28 -4.58 15.38
CA HIS C 63 -12.65 -4.80 15.86
C HIS C 63 -12.83 -6.24 16.34
N GLU C 64 -13.76 -6.42 17.25
CA GLU C 64 -14.21 -7.74 17.74
C GLU C 64 -14.97 -8.42 16.61
N ALA C 65 -15.19 -9.73 16.70
CA ALA C 65 -16.01 -10.47 15.71
C ALA C 65 -17.35 -9.75 15.52
N ILE C 66 -17.87 -9.73 14.29
CA ILE C 66 -19.18 -9.12 13.93
C ILE C 66 -20.01 -10.20 13.25
N PRO C 67 -20.64 -11.10 14.04
CA PRO C 67 -21.43 -12.19 13.45
C PRO C 67 -22.58 -11.70 12.54
N ALA C 68 -23.12 -10.51 12.78
CA ALA C 68 -24.18 -9.90 11.94
C ALA C 68 -23.77 -9.86 10.45
N VAL C 69 -22.48 -9.74 10.12
CA VAL C 69 -22.03 -9.72 8.69
C VAL C 69 -21.08 -10.89 8.44
N GLY C 70 -20.96 -11.83 9.39
CA GLY C 70 -20.13 -13.05 9.31
C GLY C 70 -18.65 -12.77 9.32
N TRP C 71 -18.20 -11.71 9.98
CA TRP C 71 -16.76 -11.37 10.08
C TRP C 71 -16.19 -11.90 11.38
N PRO C 72 -14.95 -12.40 11.35
CA PRO C 72 -14.17 -12.67 12.55
C PRO C 72 -13.68 -11.34 13.11
N ALA C 73 -12.99 -11.35 14.24
CA ALA C 73 -12.19 -10.19 14.69
C ALA C 73 -11.21 -9.86 13.56
N MET C 74 -11.08 -8.58 13.22
CA MET C 74 -10.21 -8.11 12.11
C MET C 74 -9.63 -6.76 12.50
N THR C 75 -8.48 -6.44 11.92
CA THR C 75 -7.98 -5.05 11.83
C THR C 75 -8.32 -4.59 10.42
N MET C 76 -9.18 -3.59 10.28
CA MET C 76 -9.79 -3.26 8.97
C MET C 76 -9.96 -1.74 8.85
N ARG C 77 -9.89 -1.23 7.62
CA ARG C 77 -10.10 0.20 7.33
C ARG C 77 -11.58 0.47 7.06
N PHE C 78 -12.08 1.54 7.67
CA PHE C 78 -13.44 2.08 7.47
C PHE C 78 -13.28 3.48 6.91
N THR C 79 -14.11 3.79 5.93
CA THR C 79 -14.09 5.09 5.23
C THR C 79 -14.94 6.05 6.04
N PHE C 80 -14.45 7.26 6.29
CA PHE C 80 -15.29 8.29 6.98
C PHE C 80 -15.57 9.40 5.98
N VAL C 81 -16.63 10.14 6.26
CA VAL C 81 -17.09 11.28 5.41
C VAL C 81 -16.92 12.56 6.22
N ASN C 82 -17.48 12.55 7.42
CA ASN C 82 -17.64 13.75 8.29
C ASN C 82 -16.42 13.87 9.20
N ALA C 83 -15.87 15.08 9.22
CA ALA C 83 -14.79 15.54 10.12
C ALA C 83 -15.06 15.11 11.56
N ASP C 84 -16.30 15.14 12.05
CA ASP C 84 -16.62 14.84 13.47
C ASP C 84 -16.22 13.38 13.80
N ASP C 85 -16.38 12.48 12.82
CA ASP C 85 -16.08 11.04 13.02
C ASP C 85 -14.55 10.90 13.17
N ALA C 86 -13.79 11.64 12.36
CA ALA C 86 -12.32 11.62 12.44
C ALA C 86 -11.90 12.15 13.81
N ILE C 87 -12.56 13.21 14.31
CA ILE C 87 -12.15 13.79 15.61
C ILE C 87 -12.35 12.74 16.72
N ASP C 88 -13.48 12.04 16.75
CA ASP C 88 -13.73 10.97 17.75
C ASP C 88 -12.66 9.88 17.62
N ALA C 89 -12.29 9.51 16.40
CA ALA C 89 -11.28 8.44 16.18
C ALA C 89 -9.92 8.92 16.70
N ILE C 90 -9.59 10.19 16.50
CA ILE C 90 -8.29 10.78 16.92
C ILE C 90 -8.23 10.74 18.45
N ASN C 91 -9.31 11.08 19.13
CA ASN C 91 -9.38 11.02 20.60
C ASN C 91 -9.20 9.59 21.07
N ALA C 92 -9.81 8.61 20.41
CA ALA C 92 -9.65 7.16 20.75
C ALA C 92 -8.19 6.74 20.55
N LEU C 93 -7.56 7.21 19.49
CA LEU C 93 -6.14 6.87 19.20
C LEU C 93 -5.25 7.39 20.34
N LYS C 94 -5.53 8.59 20.84
CA LYS C 94 -4.77 9.30 21.91
C LYS C 94 -4.89 8.56 23.24
N THR C 95 -6.10 8.15 23.61
CA THR C 95 -6.41 7.54 24.94
C THR C 95 -6.14 6.03 24.90
N GLY C 96 -6.29 5.38 23.74
CA GLY C 96 -6.30 3.92 23.64
C GLY C 96 -7.62 3.33 24.15
N ASN C 97 -8.62 4.15 24.44
CA ASN C 97 -9.96 3.71 24.91
C ASN C 97 -10.63 2.87 23.81
N HIS C 98 -11.31 1.80 24.23
CA HIS C 98 -12.16 0.98 23.37
C HIS C 98 -13.32 1.87 22.88
N VAL C 99 -13.70 1.68 21.63
CA VAL C 99 -14.79 2.43 20.98
C VAL C 99 -15.91 1.46 20.58
N ASP C 100 -17.14 1.93 20.65
CA ASP C 100 -18.24 1.38 19.85
C ASP C 100 -18.27 2.16 18.55
N PHE C 101 -18.66 1.52 17.46
CA PHE C 101 -18.76 2.21 16.17
C PHE C 101 -19.89 1.58 15.38
N SER C 102 -20.36 2.32 14.41
CA SER C 102 -21.38 1.82 13.49
C SER C 102 -20.98 2.19 12.07
N PHE C 103 -21.39 1.39 11.11
CA PHE C 103 -21.08 1.61 9.70
C PHE C 103 -22.17 1.01 8.85
N ILE C 104 -22.18 1.39 7.58
CA ILE C 104 -23.03 0.74 6.56
C ILE C 104 -22.11 0.19 5.48
N GLN C 105 -22.51 -0.91 4.89
CA GLN C 105 -21.77 -1.56 3.79
C GLN C 105 -22.36 -1.03 2.47
N GLN C 106 -21.55 -0.34 1.65
CA GLN C 106 -21.89 -0.10 0.22
C GLN C 106 -20.78 -0.55 -0.73
N GLY C 107 -20.97 -1.63 -1.47
CA GLY C 107 -19.99 -2.10 -2.44
C GLY C 107 -18.73 -2.45 -1.68
N ASN C 108 -17.57 -1.99 -2.14
CA ASN C 108 -16.25 -2.27 -1.48
C ASN C 108 -16.05 -1.32 -0.29
N ILE C 109 -17.04 -0.51 0.08
CA ILE C 109 -16.86 0.60 1.06
C ILE C 109 -17.65 0.25 2.32
N SER C 110 -16.91 0.10 3.41
CA SER C 110 -17.46 0.12 4.78
C SER C 110 -17.44 1.57 5.26
N LEU C 111 -18.59 2.25 5.21
CA LEU C 111 -18.73 3.69 5.51
C LEU C 111 -19.13 3.89 6.96
N LEU C 112 -18.25 4.50 7.75
CA LEU C 112 -18.50 4.81 9.16
C LEU C 112 -19.71 5.75 9.30
N LYS C 113 -20.56 5.47 10.29
CA LYS C 113 -21.66 6.39 10.71
C LYS C 113 -21.38 7.03 12.07
N SER C 114 -20.70 6.33 12.98
CA SER C 114 -20.47 6.86 14.35
C SER C 114 -19.32 6.13 15.01
N ILE C 115 -18.64 6.82 15.92
CA ILE C 115 -17.62 6.27 16.84
C ILE C 115 -17.88 6.87 18.22
N ASN C 116 -18.09 6.04 19.23
CA ASN C 116 -18.47 6.46 20.61
C ASN C 116 -17.44 5.86 21.58
N VAL C 117 -17.24 6.40 22.79
CA VAL C 117 -16.26 5.77 23.74
C VAL C 117 -17.03 5.01 24.84
N GLN D 41 29.86 -3.57 4.88
CA GLN D 41 28.57 -3.20 4.25
C GLN D 41 27.54 -4.33 4.42
N VAL D 42 27.92 -5.59 4.68
CA VAL D 42 26.93 -6.67 4.98
C VAL D 42 26.45 -6.52 6.43
N ILE D 43 25.14 -6.40 6.62
CA ILE D 43 24.46 -6.12 7.91
C ILE D 43 23.76 -7.40 8.33
N ARG D 44 23.83 -7.79 9.60
CA ARG D 44 23.20 -9.05 10.08
C ARG D 44 22.06 -8.72 11.02
N GLY D 45 20.95 -9.45 10.92
CA GLY D 45 19.83 -9.33 11.85
C GLY D 45 19.22 -10.68 12.13
N SER D 46 18.19 -10.66 12.97
CA SER D 46 17.40 -11.86 13.27
C SER D 46 15.96 -11.45 13.46
N GLY D 47 15.04 -12.38 13.22
CA GLY D 47 13.63 -12.07 13.46
C GLY D 47 12.68 -13.12 12.96
N VAL D 48 11.43 -12.71 12.80
CA VAL D 48 10.29 -13.60 12.46
C VAL D 48 9.75 -13.14 11.10
N VAL D 49 9.59 -14.08 10.18
CA VAL D 49 8.99 -13.79 8.86
C VAL D 49 7.48 -13.63 9.02
N LYS D 50 6.96 -12.50 8.57
CA LYS D 50 5.51 -12.15 8.67
C LYS D 50 4.82 -12.21 7.30
N ALA D 51 5.53 -12.01 6.21
CA ALA D 51 4.87 -11.93 4.88
C ALA D 51 5.90 -12.20 3.80
N ILE D 52 5.41 -12.71 2.68
CA ILE D 52 6.23 -12.95 1.48
C ILE D 52 5.38 -12.54 0.28
N ASP D 53 5.98 -11.78 -0.64
CA ASP D 53 5.29 -11.36 -1.89
C ASP D 53 6.20 -11.71 -3.07
N MET D 54 5.79 -12.69 -3.86
CA MET D 54 6.61 -13.20 -4.98
C MET D 54 6.52 -12.22 -6.16
N ASN D 55 5.53 -11.34 -6.22
CA ASN D 55 5.42 -10.33 -7.31
C ASN D 55 6.40 -9.18 -7.03
N SER D 56 6.38 -8.60 -5.83
CA SER D 56 7.25 -7.45 -5.46
C SER D 56 8.63 -7.95 -5.06
N LYS D 57 8.80 -9.25 -4.82
CA LYS D 57 10.03 -9.93 -4.30
C LYS D 57 10.43 -9.26 -2.98
N LYS D 58 9.48 -9.22 -2.06
CA LYS D 58 9.72 -8.62 -0.73
C LYS D 58 9.38 -9.67 0.34
N ILE D 59 10.26 -9.81 1.33
CA ILE D 59 10.03 -10.61 2.55
C ILE D 59 9.90 -9.62 3.70
N THR D 60 8.82 -9.72 4.46
CA THR D 60 8.55 -8.88 5.62
C THR D 60 9.10 -9.59 6.84
N ILE D 61 10.02 -8.94 7.54
CA ILE D 61 10.61 -9.52 8.76
C ILE D 61 10.36 -8.57 9.91
N SER D 62 9.83 -9.11 11.00
CA SER D 62 9.81 -8.46 12.32
C SER D 62 11.18 -8.71 12.95
N HIS D 63 12.08 -7.75 12.82
CA HIS D 63 13.50 -7.98 13.20
C HIS D 63 13.77 -7.32 14.54
N GLU D 64 14.78 -7.88 15.22
CA GLU D 64 15.28 -7.28 16.48
C GLU D 64 16.04 -6.00 16.12
N ALA D 65 16.31 -5.14 17.10
CA ALA D 65 17.15 -3.94 16.91
C ALA D 65 18.48 -4.33 16.24
N ILE D 66 18.98 -3.48 15.36
CA ILE D 66 20.27 -3.66 14.62
C ILE D 66 21.14 -2.45 14.88
N PRO D 67 21.88 -2.43 16.02
CA PRO D 67 22.78 -1.33 16.35
C PRO D 67 23.78 -0.95 15.27
N ALA D 68 24.28 -1.91 14.51
CA ALA D 68 25.24 -1.69 13.40
C ALA D 68 24.75 -0.63 12.41
N VAL D 69 23.43 -0.45 12.22
CA VAL D 69 22.90 0.59 11.29
C VAL D 69 22.02 1.57 12.06
N GLY D 70 21.99 1.49 13.40
CA GLY D 70 21.17 2.33 14.30
C GLY D 70 19.66 2.16 14.08
N TRP D 71 19.22 0.94 13.76
CA TRP D 71 17.78 0.64 13.64
C TRP D 71 17.25 0.11 14.96
N PRO D 72 16.01 0.52 15.32
CA PRO D 72 15.28 -0.14 16.40
C PRO D 72 14.74 -1.48 15.86
N ALA D 73 14.09 -2.25 16.72
CA ALA D 73 13.24 -3.37 16.25
C ALA D 73 12.19 -2.79 15.30
N MET D 74 11.95 -3.42 14.16
CA MET D 74 10.97 -2.96 13.14
C MET D 74 10.36 -4.18 12.48
N THR D 75 9.15 -4.02 11.94
CA THR D 75 8.61 -4.93 10.89
C THR D 75 8.85 -4.23 9.57
N MET D 76 9.63 -4.82 8.69
CA MET D 76 10.13 -4.10 7.50
C MET D 76 10.25 -5.05 6.32
N ARG D 77 10.09 -4.52 5.12
CA ARG D 77 10.25 -5.33 3.88
C ARG D 77 11.71 -5.33 3.43
N PHE D 78 12.21 -6.51 3.08
CA PHE D 78 13.53 -6.73 2.49
C PHE D 78 13.32 -7.29 1.09
N THR D 79 14.08 -6.78 0.13
CA THR D 79 14.01 -7.23 -1.27
C THR D 79 14.90 -8.45 -1.41
N PHE D 80 14.41 -9.48 -2.10
CA PHE D 80 15.26 -10.62 -2.50
C PHE D 80 15.40 -10.63 -4.01
N VAL D 81 16.45 -11.33 -4.46
CA VAL D 81 16.70 -11.72 -5.87
C VAL D 81 16.61 -13.25 -5.95
N ASN D 82 17.23 -13.97 -5.01
CA ASN D 82 17.40 -15.44 -5.02
C ASN D 82 16.11 -16.15 -4.59
N ALA D 83 15.55 -17.01 -5.45
CA ALA D 83 14.39 -17.87 -5.14
C ALA D 83 14.70 -18.69 -3.88
N ASP D 84 15.94 -19.09 -3.68
CA ASP D 84 16.42 -19.87 -2.51
C ASP D 84 16.16 -19.09 -1.20
N ASP D 85 16.26 -17.74 -1.25
CA ASP D 85 16.00 -16.92 -0.04
C ASP D 85 14.51 -17.00 0.29
N ALA D 86 13.66 -16.98 -0.75
CA ALA D 86 12.21 -17.15 -0.53
C ALA D 86 11.97 -18.55 0.05
N ILE D 87 12.72 -19.59 -0.36
CA ILE D 87 12.43 -20.95 0.17
C ILE D 87 12.62 -20.97 1.69
N ASP D 88 13.71 -20.44 2.23
CA ASP D 88 13.91 -20.39 3.70
C ASP D 88 12.83 -19.52 4.36
N ALA D 89 12.40 -18.46 3.71
CA ALA D 89 11.35 -17.57 4.28
C ALA D 89 10.01 -18.34 4.34
N ILE D 90 9.73 -19.13 3.32
CA ILE D 90 8.48 -19.94 3.23
C ILE D 90 8.48 -20.97 4.37
N ASN D 91 9.62 -21.61 4.63
CA ASN D 91 9.74 -22.58 5.73
C ASN D 91 9.52 -21.87 7.05
N ALA D 92 10.09 -20.66 7.26
CA ALA D 92 9.89 -19.87 8.49
C ALA D 92 8.40 -19.54 8.66
N LEU D 93 7.72 -19.21 7.58
CA LEU D 93 6.27 -18.84 7.63
C LEU D 93 5.45 -20.05 8.09
N LYS D 94 5.83 -21.24 7.62
CA LYS D 94 5.15 -22.52 7.93
C LYS D 94 5.43 -22.92 9.39
N THR D 95 6.69 -22.89 9.80
CA THR D 95 7.16 -23.45 11.10
C THR D 95 7.05 -22.43 12.24
N GLY D 96 7.12 -21.15 11.93
CA GLY D 96 7.29 -20.08 12.93
C GLY D 96 8.69 -20.00 13.49
N ASN D 97 9.65 -20.77 12.97
CA ASN D 97 11.07 -20.64 13.43
C ASN D 97 11.62 -19.24 13.04
N HIS D 98 12.39 -18.64 13.93
CA HIS D 98 13.06 -17.36 13.66
C HIS D 98 14.12 -17.58 12.56
N VAL D 99 14.46 -16.50 11.88
CA VAL D 99 15.50 -16.49 10.84
C VAL D 99 16.65 -15.60 11.29
N ASP D 100 17.84 -16.03 10.91
CA ASP D 100 19.02 -15.14 10.82
C ASP D 100 19.05 -14.66 9.37
N PHE D 101 19.41 -13.40 9.15
CA PHE D 101 19.44 -12.85 7.77
C PHE D 101 20.55 -11.82 7.67
N SER D 102 20.97 -11.54 6.45
CA SER D 102 21.99 -10.54 6.17
C SER D 102 21.53 -9.76 4.94
N PHE D 103 21.88 -8.50 4.88
CA PHE D 103 21.48 -7.64 3.77
C PHE D 103 22.52 -6.56 3.56
N ILE D 104 22.43 -5.92 2.41
CA ILE D 104 23.19 -4.67 2.14
C ILE D 104 22.16 -3.59 1.84
N GLN D 105 22.41 -2.38 2.34
CA GLN D 105 21.49 -1.24 2.22
C GLN D 105 21.90 -0.45 0.98
N GLN D 106 21.05 -0.42 -0.05
CA GLN D 106 21.36 0.23 -1.36
C GLN D 106 20.30 1.30 -1.53
N GLY D 107 20.57 2.52 -1.05
CA GLY D 107 19.55 3.58 -1.01
C GLY D 107 18.36 3.10 -0.21
N ASN D 108 17.15 3.19 -0.78
CA ASN D 108 15.88 2.77 -0.12
C ASN D 108 15.70 1.25 -0.13
N ILE D 109 16.62 0.47 -0.70
CA ILE D 109 16.42 -0.99 -0.89
C ILE D 109 17.33 -1.71 0.11
N SER D 110 16.71 -2.49 0.99
CA SER D 110 17.43 -3.44 1.87
C SER D 110 17.47 -4.77 1.15
N LEU D 111 18.59 -5.08 0.48
CA LEU D 111 18.73 -6.22 -0.44
C LEU D 111 19.29 -7.40 0.35
N LEU D 112 18.48 -8.46 0.49
CA LEU D 112 18.88 -9.66 1.23
C LEU D 112 20.06 -10.33 0.52
N LYS D 113 21.06 -10.71 1.30
CA LYS D 113 22.20 -11.54 0.86
C LYS D 113 22.05 -12.98 1.37
N SER D 114 21.34 -13.16 2.48
CA SER D 114 21.06 -14.50 3.04
C SER D 114 19.87 -14.43 3.98
N ILE D 115 19.14 -15.53 4.08
CA ILE D 115 18.13 -15.77 5.13
C ILE D 115 18.22 -17.24 5.49
N ASN D 116 18.44 -17.56 6.76
CA ASN D 116 18.62 -18.94 7.27
C ASN D 116 17.56 -19.20 8.33
N VAL D 117 16.80 -20.28 8.17
CA VAL D 117 15.80 -20.65 9.21
C VAL D 117 16.54 -21.37 10.34
N THR D 118 16.36 -20.92 11.57
CA THR D 118 17.00 -21.51 12.77
C THR D 118 16.20 -22.74 13.20
N GLN D 119 16.73 -23.51 14.17
CA GLN D 119 16.23 -24.85 14.54
C GLN D 119 15.84 -24.84 16.02
N GLN E 41 -26.54 -3.31 -14.24
CA GLN E 41 -26.90 -2.03 -13.54
C GLN E 41 -25.72 -1.06 -13.73
N VAL E 42 -25.76 -0.21 -14.75
CA VAL E 42 -24.66 0.74 -15.08
C VAL E 42 -24.77 1.93 -14.12
N ILE E 43 -23.69 2.27 -13.43
CA ILE E 43 -23.62 3.40 -12.47
C ILE E 43 -22.78 4.50 -13.13
N ARG E 44 -23.22 5.73 -13.05
CA ARG E 44 -22.58 6.86 -13.77
C ARG E 44 -22.00 7.79 -12.70
N GLY E 45 -20.81 8.31 -12.97
CA GLY E 45 -20.21 9.33 -12.13
C GLY E 45 -19.44 10.32 -12.96
N SER E 46 -18.86 11.31 -12.29
CA SER E 46 -17.96 12.26 -12.97
C SER E 46 -16.83 12.60 -12.01
N GLY E 47 -15.69 12.94 -12.56
CA GLY E 47 -14.55 13.32 -11.71
C GLY E 47 -13.27 13.51 -12.47
N VAL E 48 -12.18 13.49 -11.74
CA VAL E 48 -10.83 13.78 -12.27
C VAL E 48 -9.97 12.54 -12.00
N VAL E 49 -9.30 12.06 -13.05
CA VAL E 49 -8.38 10.91 -12.94
C VAL E 49 -7.09 11.40 -12.27
N LYS E 50 -6.68 10.72 -11.19
CA LYS E 50 -5.49 11.10 -10.38
C LYS E 50 -4.37 10.08 -10.50
N ALA E 51 -4.66 8.85 -10.86
CA ALA E 51 -3.60 7.81 -10.90
C ALA E 51 -4.07 6.66 -11.78
N ILE E 52 -3.10 5.97 -12.38
CA ILE E 52 -3.37 4.72 -13.12
C ILE E 52 -2.22 3.76 -12.78
N ASP E 53 -2.57 2.51 -12.53
CA ASP E 53 -1.59 1.43 -12.27
C ASP E 53 -1.88 0.28 -13.21
N MET E 54 -0.99 0.03 -14.18
CA MET E 54 -1.22 -1.02 -15.20
C MET E 54 -1.00 -2.41 -14.57
N ASN E 55 -0.28 -2.53 -13.45
CA ASN E 55 -0.05 -3.83 -12.77
C ASN E 55 -1.29 -4.21 -11.96
N SER E 56 -1.82 -3.31 -11.14
CA SER E 56 -3.01 -3.58 -10.28
C SER E 56 -4.31 -3.42 -11.08
N LYS E 57 -4.23 -2.82 -12.27
CA LYS E 57 -5.35 -2.51 -13.20
C LYS E 57 -6.36 -1.64 -12.47
N LYS E 58 -5.89 -0.59 -11.81
CA LYS E 58 -6.71 0.34 -11.03
C LYS E 58 -6.51 1.76 -11.53
N ILE E 59 -7.63 2.47 -11.69
CA ILE E 59 -7.67 3.92 -12.02
C ILE E 59 -8.23 4.62 -10.79
N THR E 60 -7.54 5.64 -10.31
CA THR E 60 -7.95 6.45 -9.15
C THR E 60 -8.72 7.66 -9.69
N ILE E 61 -9.95 7.82 -9.23
CA ILE E 61 -10.80 8.95 -9.66
C ILE E 61 -11.25 9.73 -8.43
N SER E 62 -11.06 11.04 -8.45
CA SER E 62 -11.68 11.96 -7.48
C SER E 62 -13.07 12.29 -8.01
N HIS E 63 -14.09 11.60 -7.51
CA HIS E 63 -15.45 11.64 -8.11
C HIS E 63 -16.41 12.49 -7.28
N GLU E 64 -17.43 13.00 -7.95
CA GLU E 64 -18.59 13.66 -7.29
C GLU E 64 -19.43 12.59 -6.60
N ALA E 65 -20.31 13.00 -5.69
CA ALA E 65 -21.26 12.08 -5.01
C ALA E 65 -22.00 11.23 -6.04
N ILE E 66 -22.22 9.95 -5.73
CA ILE E 66 -22.92 8.98 -6.61
C ILE E 66 -24.10 8.41 -5.83
N PRO E 67 -25.27 9.05 -5.99
CA PRO E 67 -26.44 8.64 -5.22
C PRO E 67 -26.91 7.19 -5.45
N ALA E 68 -26.77 6.67 -6.67
CA ALA E 68 -27.27 5.30 -7.03
C ALA E 68 -26.62 4.25 -6.12
N VAL E 69 -25.39 4.50 -5.61
CA VAL E 69 -24.70 3.53 -4.73
C VAL E 69 -24.52 4.09 -3.33
N GLY E 70 -25.09 5.27 -3.05
CA GLY E 70 -25.04 5.95 -1.73
C GLY E 70 -23.62 6.38 -1.34
N TRP E 71 -22.81 6.78 -2.32
CA TRP E 71 -21.43 7.26 -2.03
C TRP E 71 -21.43 8.77 -1.98
N PRO E 72 -20.64 9.35 -1.05
CA PRO E 72 -20.36 10.78 -1.08
C PRO E 72 -19.32 11.05 -2.18
N ALA E 73 -18.95 12.30 -2.39
CA ALA E 73 -17.73 12.60 -3.18
C ALA E 73 -16.54 11.89 -2.50
N MET E 74 -15.68 11.24 -3.28
CA MET E 74 -14.55 10.45 -2.75
C MET E 74 -13.44 10.46 -3.79
N THR E 75 -12.22 10.19 -3.33
CA THR E 75 -11.11 9.72 -4.20
C THR E 75 -11.04 8.21 -4.04
N MET E 76 -11.23 7.47 -5.10
CA MET E 76 -11.41 6.00 -4.99
C MET E 76 -10.79 5.29 -6.19
N ARG E 77 -10.28 4.07 -5.98
CA ARG E 77 -9.75 3.23 -7.06
C ARG E 77 -10.87 2.40 -7.69
N PHE E 78 -10.87 2.34 -9.03
CA PHE E 78 -11.78 1.50 -9.83
C PHE E 78 -10.94 0.51 -10.61
N THR E 79 -11.42 -0.72 -10.74
CA THR E 79 -10.71 -1.73 -11.56
C THR E 79 -11.08 -1.52 -13.03
N PHE E 80 -10.12 -1.54 -13.94
CA PHE E 80 -10.41 -1.59 -15.38
C PHE E 80 -10.11 -2.98 -15.94
N VAL E 81 -10.85 -3.29 -16.99
CA VAL E 81 -10.84 -4.62 -17.66
C VAL E 81 -10.38 -4.41 -19.10
N ASN E 82 -10.98 -3.45 -19.80
CA ASN E 82 -10.65 -3.07 -21.21
C ASN E 82 -9.43 -2.12 -21.28
N ALA E 83 -8.42 -2.51 -22.06
CA ALA E 83 -7.20 -1.71 -22.32
C ALA E 83 -7.59 -0.32 -22.81
N ASP E 84 -8.63 -0.23 -23.64
CA ASP E 84 -9.06 1.06 -24.26
C ASP E 84 -9.51 2.02 -23.16
N ASP E 85 -10.07 1.50 -22.07
CA ASP E 85 -10.55 2.35 -20.94
C ASP E 85 -9.32 2.95 -20.24
N ALA E 86 -8.24 2.19 -20.08
CA ALA E 86 -7.00 2.71 -19.48
C ALA E 86 -6.44 3.80 -20.39
N ILE E 87 -6.49 3.61 -21.70
CA ILE E 87 -5.94 4.64 -22.63
C ILE E 87 -6.71 5.96 -22.46
N ASP E 88 -8.05 5.90 -22.42
CA ASP E 88 -8.88 7.13 -22.20
C ASP E 88 -8.53 7.75 -20.84
N ALA E 89 -8.30 6.93 -19.81
CA ALA E 89 -7.97 7.42 -18.45
C ALA E 89 -6.61 8.13 -18.50
N ILE E 90 -5.67 7.61 -19.26
CA ILE E 90 -4.29 8.19 -19.34
C ILE E 90 -4.38 9.59 -19.96
N ASN E 91 -5.20 9.76 -20.98
CA ASN E 91 -5.43 11.09 -21.60
C ASN E 91 -6.04 12.06 -20.55
N ALA E 92 -7.03 11.59 -19.79
CA ALA E 92 -7.66 12.39 -18.70
C ALA E 92 -6.65 12.74 -17.61
N LEU E 93 -5.75 11.83 -17.28
CA LEU E 93 -4.72 12.01 -16.22
C LEU E 93 -3.81 13.19 -16.63
N LYS E 94 -3.46 13.26 -17.92
CA LYS E 94 -2.53 14.27 -18.47
C LYS E 94 -3.15 15.67 -18.38
N THR E 95 -4.43 15.80 -18.74
CA THR E 95 -5.13 17.11 -18.80
C THR E 95 -5.67 17.51 -17.42
N GLY E 96 -6.05 16.55 -16.57
CA GLY E 96 -6.83 16.81 -15.34
C GLY E 96 -8.25 17.26 -15.64
N ASN E 97 -8.72 17.09 -16.86
CA ASN E 97 -10.09 17.49 -17.28
C ASN E 97 -11.12 16.61 -16.55
N HIS E 98 -12.25 17.19 -16.21
CA HIS E 98 -13.46 16.48 -15.73
C HIS E 98 -13.85 15.42 -16.75
N VAL E 99 -14.02 14.17 -16.33
CA VAL E 99 -14.47 13.06 -17.20
C VAL E 99 -15.81 12.57 -16.66
N ASP E 100 -16.64 12.08 -17.55
CA ASP E 100 -17.78 11.21 -17.19
C ASP E 100 -17.25 9.78 -17.23
N PHE E 101 -17.73 8.94 -16.34
CA PHE E 101 -17.33 7.51 -16.36
C PHE E 101 -18.52 6.68 -15.94
N SER E 102 -18.47 5.41 -16.27
CA SER E 102 -19.52 4.46 -15.86
C SER E 102 -18.85 3.19 -15.38
N PHE E 103 -19.50 2.50 -14.47
CA PHE E 103 -18.98 1.25 -13.88
C PHE E 103 -20.13 0.39 -13.48
N ILE E 104 -19.85 -0.87 -13.22
CA ILE E 104 -20.83 -1.82 -12.65
C ILE E 104 -20.23 -2.33 -11.36
N GLN E 105 -21.08 -2.64 -10.41
CA GLN E 105 -20.71 -3.36 -9.17
C GLN E 105 -20.94 -4.84 -9.44
N GLN E 106 -19.88 -5.64 -9.45
CA GLN E 106 -19.94 -7.10 -9.65
C GLN E 106 -19.49 -7.75 -8.37
N GLY E 107 -20.45 -8.34 -7.62
CA GLY E 107 -20.25 -8.62 -6.19
C GLY E 107 -19.79 -7.32 -5.50
N ASN E 108 -18.67 -7.32 -4.79
CA ASN E 108 -18.20 -6.10 -4.10
C ASN E 108 -16.94 -5.54 -4.76
N ILE E 109 -16.84 -5.58 -6.11
CA ILE E 109 -15.76 -4.83 -6.85
C ILE E 109 -16.35 -3.87 -7.87
N SER E 110 -15.77 -2.69 -8.05
CA SER E 110 -16.23 -1.65 -9.00
C SER E 110 -15.47 -1.79 -10.31
N LEU E 111 -16.12 -2.31 -11.34
CA LEU E 111 -15.50 -2.53 -12.67
C LEU E 111 -15.87 -1.39 -13.60
N LEU E 112 -14.88 -0.63 -14.05
CA LEU E 112 -15.09 0.42 -15.08
C LEU E 112 -15.67 -0.15 -16.38
N LYS E 113 -16.64 0.56 -16.96
CA LYS E 113 -17.21 0.24 -18.28
C LYS E 113 -16.81 1.29 -19.31
N SER E 114 -16.61 2.54 -18.91
CA SER E 114 -16.26 3.65 -19.83
C SER E 114 -15.69 4.83 -19.06
N ILE E 115 -14.81 5.58 -19.69
CA ILE E 115 -14.34 6.92 -19.24
C ILE E 115 -14.36 7.82 -20.46
N ASN E 116 -15.12 8.90 -20.42
CA ASN E 116 -15.45 9.76 -21.59
C ASN E 116 -14.91 11.13 -21.22
N VAL E 117 -13.80 11.51 -21.85
CA VAL E 117 -13.10 12.80 -21.58
C VAL E 117 -13.98 13.92 -22.15
N VAL F 39 28.79 15.17 8.98
CA VAL F 39 27.73 16.19 8.74
C VAL F 39 26.75 16.17 9.93
N GLN F 40 25.94 17.22 10.06
CA GLN F 40 24.81 17.32 11.03
C GLN F 40 23.93 16.06 10.93
N GLN F 41 23.65 15.43 12.06
CA GLN F 41 22.85 14.19 12.09
C GLN F 41 21.38 14.60 12.10
N VAL F 42 21.00 15.71 12.74
CA VAL F 42 19.55 16.06 12.92
C VAL F 42 19.08 16.75 11.65
N ILE F 43 18.01 16.24 11.03
CA ILE F 43 17.41 16.88 9.82
C ILE F 43 16.12 17.56 10.28
N ARG F 44 15.94 18.82 9.90
CA ARG F 44 14.82 19.62 10.43
C ARG F 44 13.88 19.90 9.27
N GLY F 45 12.60 19.80 9.55
CA GLY F 45 11.57 20.04 8.55
C GLY F 45 10.41 20.76 9.18
N SER F 46 9.45 21.13 8.37
CA SER F 46 8.16 21.64 8.88
C SER F 46 7.07 21.14 7.97
N GLY F 47 5.88 20.99 8.52
CA GLY F 47 4.72 20.58 7.72
C GLY F 47 3.54 20.20 8.57
N VAL F 48 2.64 19.47 7.97
CA VAL F 48 1.32 19.15 8.55
C VAL F 48 1.24 17.60 8.63
N VAL F 49 0.86 17.10 9.79
CA VAL F 49 0.67 15.64 10.02
C VAL F 49 -0.64 15.25 9.36
N LYS F 50 -0.62 14.25 8.47
CA LYS F 50 -1.78 13.79 7.69
C LYS F 50 -2.26 12.40 8.11
N ALA F 51 -1.41 11.58 8.72
CA ALA F 51 -1.81 10.20 9.09
C ALA F 51 -0.89 9.69 10.19
N ILE F 52 -1.43 8.77 10.98
CA ILE F 52 -0.63 7.96 11.92
C ILE F 52 -1.13 6.53 11.89
N ASP F 53 -0.20 5.58 11.91
CA ASP F 53 -0.52 4.12 11.97
C ASP F 53 0.29 3.51 13.11
N MET F 54 -0.39 3.11 14.18
CA MET F 54 0.28 2.59 15.38
C MET F 54 0.77 1.15 15.14
N ASN F 55 0.26 0.44 14.12
CA ASN F 55 0.73 -0.93 13.78
C ASN F 55 2.02 -0.85 12.98
N SER F 56 2.09 -0.03 11.93
CA SER F 56 3.29 0.13 11.08
C SER F 56 4.33 1.07 11.73
N LYS F 57 3.91 1.81 12.76
CA LYS F 57 4.69 2.84 13.48
C LYS F 57 5.18 3.88 12.48
N LYS F 58 4.25 4.41 11.69
CA LYS F 58 4.55 5.42 10.67
C LYS F 58 3.67 6.66 10.89
N ILE F 59 4.29 7.82 10.79
CA ILE F 59 3.60 9.14 10.79
C ILE F 59 3.80 9.74 9.41
N THR F 60 2.70 10.12 8.76
CA THR F 60 2.72 10.74 7.44
C THR F 60 2.74 12.26 7.62
N ILE F 61 3.74 12.91 7.05
CA ILE F 61 3.84 14.40 7.11
C ILE F 61 3.90 14.95 5.69
N SER F 62 3.04 15.94 5.42
CA SER F 62 3.17 16.80 4.24
C SER F 62 4.19 17.91 4.58
N HIS F 63 5.44 17.71 4.18
CA HIS F 63 6.54 18.59 4.63
C HIS F 63 6.95 19.55 3.50
N GLU F 64 7.50 20.69 3.90
CA GLU F 64 8.12 21.67 2.98
C GLU F 64 9.43 21.05 2.47
N ALA F 65 10.01 21.62 1.42
CA ALA F 65 11.33 21.22 0.89
C ALA F 65 12.36 21.19 2.03
N ILE F 66 13.28 20.23 1.99
CA ILE F 66 14.37 20.02 2.99
C ILE F 66 15.70 20.02 2.25
N PRO F 67 16.30 21.19 2.01
CA PRO F 67 17.59 21.27 1.31
C PRO F 67 18.72 20.44 1.91
N ALA F 68 18.76 20.24 3.23
CA ALA F 68 19.84 19.46 3.88
C ALA F 68 19.92 18.04 3.33
N VAL F 69 18.82 17.46 2.84
CA VAL F 69 18.86 16.08 2.26
C VAL F 69 18.49 16.13 0.78
N GLY F 70 18.37 17.32 0.19
CA GLY F 70 18.02 17.56 -1.23
C GLY F 70 16.60 17.10 -1.58
N TRP F 71 15.66 17.19 -0.65
CA TRP F 71 14.26 16.78 -0.89
C TRP F 71 13.41 17.97 -1.28
N PRO F 72 12.47 17.76 -2.19
CA PRO F 72 11.40 18.71 -2.47
C PRO F 72 10.36 18.61 -1.35
N ALA F 73 9.35 19.47 -1.41
CA ALA F 73 8.12 19.27 -0.61
C ALA F 73 7.56 17.88 -0.98
N MET F 74 7.16 17.11 0.02
CA MET F 74 6.66 15.74 -0.16
C MET F 74 5.62 15.48 0.92
N THR F 75 4.71 14.55 0.63
CA THR F 75 3.95 13.80 1.66
C THR F 75 4.66 12.48 1.84
N MET F 76 5.15 12.21 3.04
CA MET F 76 6.10 11.10 3.23
C MET F 76 5.84 10.45 4.60
N ARG F 77 6.04 9.14 4.66
CA ARG F 77 5.94 8.38 5.92
C ARG F 77 7.28 8.40 6.62
N PHE F 78 7.27 8.65 7.93
CA PHE F 78 8.43 8.57 8.81
C PHE F 78 8.16 7.49 9.85
N THR F 79 9.16 6.67 10.14
CA THR F 79 9.07 5.72 11.26
C THR F 79 9.25 6.41 12.61
N PHE F 80 8.42 6.08 13.58
CA PHE F 80 8.61 6.55 14.97
C PHE F 80 8.96 5.35 15.84
N VAL F 81 9.64 5.67 16.94
CA VAL F 81 10.09 4.70 17.97
C VAL F 81 9.36 5.03 19.27
N ASN F 82 9.35 6.31 19.66
CA ASN F 82 8.90 6.79 21.00
C ASN F 82 7.38 7.03 21.01
N ALA F 83 6.68 6.44 21.98
CA ALA F 83 5.24 6.64 22.27
C ALA F 83 4.92 8.13 22.35
N ASP F 84 5.81 8.93 22.96
CA ASP F 84 5.57 10.38 23.16
C ASP F 84 5.54 11.08 21.81
N ASP F 85 6.29 10.59 20.83
CA ASP F 85 6.34 11.19 19.47
C ASP F 85 5.00 10.95 18.81
N ALA F 86 4.42 9.77 18.98
CA ALA F 86 3.08 9.47 18.44
C ALA F 86 2.08 10.41 19.11
N ILE F 87 2.20 10.66 20.41
CA ILE F 87 1.21 11.54 21.10
C ILE F 87 1.28 12.94 20.49
N ASP F 88 2.47 13.51 20.32
CA ASP F 88 2.64 14.85 19.71
C ASP F 88 2.08 14.84 18.29
N ALA F 89 2.29 13.76 17.54
CA ALA F 89 1.80 13.66 16.14
C ALA F 89 0.28 13.63 16.15
N ILE F 90 -0.32 12.93 17.10
CA ILE F 90 -1.80 12.79 17.18
C ILE F 90 -2.40 14.18 17.47
N ASN F 91 -1.80 14.95 18.35
CA ASN F 91 -2.27 16.34 18.64
C ASN F 91 -2.13 17.21 17.37
N ALA F 92 -1.02 17.09 16.65
CA ALA F 92 -0.79 17.84 15.38
C ALA F 92 -1.82 17.40 14.33
N LEU F 93 -2.15 16.13 14.27
CA LEU F 93 -3.13 15.58 13.30
C LEU F 93 -4.50 16.21 13.58
N LYS F 94 -4.85 16.36 14.86
CA LYS F 94 -6.16 16.91 15.31
C LYS F 94 -6.27 18.40 14.94
N THR F 95 -5.22 19.19 15.15
CA THR F 95 -5.22 20.66 14.91
C THR F 95 -4.99 20.99 13.43
N GLY F 96 -4.19 20.17 12.71
CA GLY F 96 -3.70 20.50 11.36
C GLY F 96 -2.69 21.65 11.39
N ASN F 97 -2.13 21.96 12.55
CA ASN F 97 -1.14 23.05 12.73
C ASN F 97 0.12 22.73 11.96
N HIS F 98 0.73 23.76 11.37
CA HIS F 98 2.06 23.66 10.74
C HIS F 98 3.04 23.46 11.89
N VAL F 99 3.76 22.33 11.93
CA VAL F 99 4.66 21.97 13.05
C VAL F 99 6.07 21.88 12.51
N ASP F 100 7.03 22.09 13.41
CA ASP F 100 8.43 21.74 13.21
C ASP F 100 8.61 20.29 13.60
N PHE F 101 9.46 19.58 12.88
CA PHE F 101 9.79 18.19 13.27
C PHE F 101 11.25 17.97 12.97
N SER F 102 11.79 16.95 13.62
CA SER F 102 13.18 16.57 13.34
C SER F 102 13.21 15.06 13.15
N PHE F 103 14.15 14.62 12.35
CA PHE F 103 14.38 13.18 12.16
C PHE F 103 15.85 12.96 11.92
N ILE F 104 16.25 11.70 12.00
CA ILE F 104 17.62 11.27 11.67
C ILE F 104 17.50 10.22 10.57
N GLN F 105 18.53 10.12 9.75
CA GLN F 105 18.66 9.04 8.75
C GLN F 105 19.63 8.05 9.38
N GLN F 106 19.13 6.86 9.74
CA GLN F 106 20.01 5.77 10.26
C GLN F 106 19.93 4.64 9.23
N GLY F 107 21.03 4.41 8.51
CA GLY F 107 21.09 3.32 7.52
C GLY F 107 19.98 3.48 6.48
N ASN F 108 19.78 4.70 5.98
CA ASN F 108 18.80 5.05 4.94
C ASN F 108 17.34 4.81 5.37
N ILE F 109 17.08 4.82 6.68
CA ILE F 109 15.70 4.92 7.23
C ILE F 109 15.51 6.29 7.90
N SER F 110 14.37 6.94 7.63
CA SER F 110 13.97 8.23 8.24
C SER F 110 13.23 7.98 9.56
N LEU F 111 13.94 8.19 10.67
CA LEU F 111 13.43 7.98 12.03
C LEU F 111 13.04 9.33 12.61
N LEU F 112 11.75 9.53 12.87
CA LEU F 112 11.25 10.76 13.52
C LEU F 112 11.78 10.85 14.94
N LYS F 113 12.27 12.04 15.34
CA LYS F 113 12.85 12.20 16.71
C LYS F 113 12.05 13.22 17.50
N SER F 114 11.34 14.16 16.87
CA SER F 114 10.54 15.17 17.61
C SER F 114 9.54 15.83 16.68
N ILE F 115 8.42 16.27 17.26
CA ILE F 115 7.41 17.13 16.58
C ILE F 115 7.01 18.20 17.57
N ASN F 116 7.12 19.47 17.15
CA ASN F 116 6.83 20.71 17.91
C ASN F 116 5.88 21.57 17.07
AG AG G . -10.95 -10.55 -7.84
S SO4 H . -6.78 -5.84 -3.72
O1 SO4 H . -7.78 -6.83 -3.49
O2 SO4 H . -7.18 -5.05 -4.86
O3 SO4 H . -6.66 -5.00 -2.58
O4 SO4 H . -5.56 -6.51 -3.99
C1 BTB I . 15.50 2.23 -24.60
O1 BTB I . 16.67 1.93 -23.86
C2 BTB I . 15.70 1.94 -26.11
C3 BTB I . 15.89 0.43 -26.36
O3 BTB I . 14.96 -0.35 -25.63
C4 BTB I . 14.42 2.38 -26.85
O4 BTB I . 14.52 2.20 -28.25
N BTB I . 16.96 2.70 -26.57
C5 BTB I . 17.57 2.23 -27.89
C6 BTB I . 19.02 1.74 -27.84
O6 BTB I . 19.48 1.48 -26.53
C7 BTB I . 16.79 4.20 -26.59
C8 BTB I . 18.10 4.94 -26.40
O8 BTB I . 18.92 4.36 -25.40
H11 BTB I . 15.29 3.18 -24.51
H12 BTB I . 14.76 1.69 -24.29
HO1 BTB I . 16.51 2.10 -23.04
H31 BTB I . 16.80 0.18 -26.10
H32 BTB I . 15.79 0.24 -27.31
HO3 BTB I . 15.11 -1.17 -25.79
H41 BTB I . 14.25 3.32 -26.66
H42 BTB I . 13.66 1.87 -26.51
HO4 BTB I . 13.79 2.46 -28.61
H51 BTB I . 17.54 2.96 -28.54
H52 BTB I . 17.04 1.50 -28.25
H61 BTB I . 19.60 2.41 -28.24
H62 BTB I . 19.09 0.92 -28.36
HO6 BTB I . 20.28 1.22 -26.57
H71 BTB I . 16.19 4.45 -25.85
H72 BTB I . 16.41 4.47 -27.44
H81 BTB I . 17.92 5.86 -26.13
H82 BTB I . 18.60 4.93 -27.24
HO8 BTB I . 18.53 3.68 -25.08
AG AG J . 14.96 0.23 -8.01
S SO4 K . 8.78 0.63 -3.70
O1 SO4 K . 9.31 -0.57 -3.13
O2 SO4 K . 8.39 0.38 -5.03
O3 SO4 K . 9.78 1.65 -3.69
O4 SO4 K . 7.64 1.05 -2.95
AG AG L . -13.72 -6.19 9.18
S SO4 M . -8.53 -3.34 4.64
O1 SO4 M . -8.86 -4.74 4.49
O2 SO4 M . -9.15 -2.55 3.62
O3 SO4 M . -8.97 -2.89 5.90
O4 SO4 M . -7.12 -3.18 4.54
AG AG N . 14.23 -2.18 9.53
S SO4 O . 8.40 -1.10 4.80
O1 SO4 O . 7.84 -0.71 3.54
O2 SO4 O . 7.63 -2.17 5.37
O3 SO4 O . 8.38 0.00 5.71
O4 SO4 O . 9.74 -1.54 4.62
S SO4 P . 9.21 -26.84 3.75
O1 SO4 P . 8.20 -26.85 2.71
O2 SO4 P . 10.37 -27.54 3.30
O3 SO4 P . 9.57 -25.47 4.07
O4 SO4 P . 8.65 -27.46 4.92
AG AG Q . -16.15 5.87 -4.43
S SO4 R . -9.63 2.71 -2.60
O1 SO4 R . -10.69 2.50 -3.53
O2 SO4 R . -8.78 1.55 -2.62
O3 SO4 R . -8.88 3.87 -2.98
O4 SO4 R . -10.18 2.90 -1.30
AG AG S . 10.31 13.31 2.24
S SO4 T . 6.18 7.00 1.46
O1 SO4 T . 4.99 7.58 0.94
O2 SO4 T . 7.18 7.03 0.43
O3 SO4 T . 6.63 7.74 2.57
O4 SO4 T . 5.94 5.64 1.86
S SO4 U . -1.33 18.73 1.39
O1 SO4 U . -2.21 19.24 0.39
O2 SO4 U . -1.87 17.51 1.92
O3 SO4 U . -1.19 19.70 2.48
O4 SO4 U . -0.05 18.46 0.81
#